data_1IJD
#
_entry.id   1IJD
#
_cell.length_a   117.260
_cell.length_b   117.260
_cell.length_c   295.920
_cell.angle_alpha   90.00
_cell.angle_beta   90.00
_cell.angle_gamma   120.00
#
_symmetry.space_group_name_H-M   'H 3 2'
#
loop_
_entity.id
_entity.type
_entity.pdbx_description
1 polymer 'LIGHT-HARVESTING PROTEIN B-800/820, ALPHA CHAIN'
2 polymer 'LIGHT-HARVESTING PROTEIN B-800/820, BETA CHAIN'
3 non-polymer 'BACTERIOCHLOROPHYLL A'
4 non-polymer 'RHODOPINAL GLUCOSIDE'
5 non-polymer 'octyl beta-D-glucopyranoside'
6 water water
#
loop_
_entity_poly.entity_id
_entity_poly.type
_entity_poly.pdbx_seq_one_letter_code
_entity_poly.pdbx_strand_id
1 'polypeptide(L)' (FME)NQGKIWTVVPPAFGLPLMLGAVAITALLVHAAVLTHTTWYAAFLQGGVKKAA A,C,E
2 'polypeptide(L)' AEVLTSEQAEELHKHVIDGTRVFLVIAAIAHFLAFTLTPWLH B,D,F
#
loop_
_chem_comp.id
_chem_comp.type
_chem_comp.name
_chem_comp.formula
BCL non-polymer 'BACTERIOCHLOROPHYLL A' 'C55 H74 Mg N4 O6'
BOG D-saccharide 'octyl beta-D-glucopyranoside' 'C14 H28 O6'
RPA saccharide 'RHODOPINAL GLUCOSIDE' 'C46 H66 O7'
#
# COMPACT_ATOMS: atom_id res chain seq x y z
N FME A 1 7.81 7.35 -14.41
CN FME A 1 6.87 7.91 -13.47
O1 FME A 1 6.38 6.91 -12.52
CA FME A 1 8.00 7.91 -15.73
CB FME A 1 8.05 6.81 -16.79
CG FME A 1 9.47 6.50 -17.22
SD FME A 1 9.58 5.84 -18.89
CE FME A 1 10.90 6.95 -19.53
C FME A 1 6.87 8.89 -16.08
O FME A 1 7.10 10.10 -16.10
N ASN A 2 5.71 8.32 -16.34
CA ASN A 2 4.50 9.06 -16.61
C ASN A 2 4.00 9.85 -15.43
N GLN A 3 4.69 9.80 -14.28
CA GLN A 3 4.07 10.18 -13.03
C GLN A 3 4.63 11.45 -12.43
N GLY A 4 5.38 12.25 -13.17
CA GLY A 4 6.11 13.35 -12.56
C GLY A 4 5.26 14.43 -11.92
N LYS A 5 4.01 14.55 -12.34
CA LYS A 5 3.13 15.61 -11.84
C LYS A 5 2.78 15.39 -10.37
N ILE A 6 3.29 14.31 -9.79
CA ILE A 6 2.95 14.03 -8.39
C ILE A 6 3.54 15.08 -7.47
N TRP A 7 4.67 15.66 -7.88
CA TRP A 7 5.29 16.73 -7.10
C TRP A 7 4.47 18.00 -7.14
N THR A 8 3.46 18.06 -8.02
CA THR A 8 2.53 19.18 -7.96
C THR A 8 1.50 18.98 -6.86
N VAL A 9 1.52 17.81 -6.22
CA VAL A 9 0.48 17.43 -5.25
C VAL A 9 1.14 17.20 -3.89
N VAL A 10 2.42 16.88 -4.00
CA VAL A 10 3.21 16.36 -2.90
C VAL A 10 4.61 16.95 -2.91
N PRO A 11 4.84 17.76 -1.86
CA PRO A 11 6.03 18.58 -1.66
C PRO A 11 7.30 17.74 -1.64
N PRO A 12 7.92 17.57 -2.82
CA PRO A 12 9.16 16.79 -2.83
C PRO A 12 10.05 17.04 -1.63
N ALA A 13 9.83 18.07 -0.82
CA ALA A 13 10.85 18.27 0.23
C ALA A 13 10.60 17.31 1.38
N PHE A 14 9.41 16.74 1.38
CA PHE A 14 9.02 15.69 2.33
C PHE A 14 8.91 14.34 1.62
N GLY A 15 8.39 14.39 0.40
CA GLY A 15 8.14 13.22 -0.40
C GLY A 15 9.37 12.52 -0.92
N LEU A 16 10.44 13.25 -1.21
CA LEU A 16 11.59 12.52 -1.80
C LEU A 16 12.30 11.70 -0.74
N PRO A 17 12.70 12.40 0.34
CA PRO A 17 13.33 11.69 1.47
C PRO A 17 12.44 10.58 1.99
N LEU A 18 11.12 10.74 1.83
CA LEU A 18 10.24 9.61 2.08
C LEU A 18 10.56 8.40 1.22
N MET A 19 10.42 8.49 -0.09
CA MET A 19 10.81 7.44 -1.02
C MET A 19 12.19 6.86 -0.70
N LEU A 20 13.19 7.75 -0.58
CA LEU A 20 14.56 7.25 -0.48
C LEU A 20 14.74 6.48 0.83
N GLY A 21 14.07 6.98 1.87
CA GLY A 21 14.08 6.27 3.13
C GLY A 21 13.46 4.90 3.07
N ALA A 22 12.32 4.77 2.37
CA ALA A 22 11.60 3.51 2.36
C ALA A 22 12.36 2.46 1.55
N VAL A 23 13.09 2.92 0.54
CA VAL A 23 14.09 2.09 -0.11
C VAL A 23 15.12 1.57 0.86
N ALA A 24 15.82 2.45 1.58
CA ALA A 24 16.83 2.04 2.55
C ALA A 24 16.26 1.03 3.54
N ILE A 25 15.04 1.32 4.01
CA ILE A 25 14.41 0.43 5.00
C ILE A 25 14.17 -0.95 4.38
N THR A 26 13.49 -0.93 3.25
CA THR A 26 13.23 -2.14 2.48
C THR A 26 14.48 -2.97 2.25
N ALA A 27 15.62 -2.31 1.97
CA ALA A 27 16.78 -3.17 1.69
C ALA A 27 17.27 -3.86 2.96
N LEU A 28 17.13 -3.17 4.10
CA LEU A 28 17.60 -3.84 5.33
C LEU A 28 16.68 -5.02 5.66
N LEU A 29 15.38 -4.78 5.55
CA LEU A 29 14.40 -5.85 5.70
C LEU A 29 14.74 -7.05 4.85
N VAL A 30 14.84 -6.85 3.54
CA VAL A 30 15.14 -7.97 2.65
C VAL A 30 16.44 -8.66 3.06
N HIS A 31 17.44 -7.90 3.50
CA HIS A 31 18.64 -8.58 4.00
C HIS A 31 18.31 -9.43 5.22
N ALA A 32 17.85 -8.77 6.27
CA ALA A 32 17.30 -9.39 7.45
C ALA A 32 16.55 -10.67 7.16
N ALA A 33 15.65 -10.65 6.17
CA ALA A 33 14.88 -11.87 5.90
C ALA A 33 15.83 -13.01 5.50
N VAL A 34 16.44 -12.83 4.34
CA VAL A 34 17.38 -13.79 3.79
C VAL A 34 18.39 -14.27 4.82
N LEU A 35 18.77 -13.37 5.72
CA LEU A 35 19.78 -13.75 6.72
C LEU A 35 19.23 -14.78 7.68
N THR A 36 17.92 -14.73 7.90
CA THR A 36 17.30 -15.51 8.95
C THR A 36 16.47 -16.65 8.39
N HIS A 37 16.51 -16.91 7.09
CA HIS A 37 15.87 -18.08 6.52
C HIS A 37 16.73 -18.73 5.45
N THR A 38 18.02 -18.46 5.50
CA THR A 38 19.00 -19.39 4.93
C THR A 38 20.06 -19.75 5.96
N THR A 39 20.84 -20.78 5.64
CA THR A 39 22.07 -21.02 6.40
C THR A 39 23.25 -20.35 5.71
N TRP A 40 23.04 -20.01 4.43
CA TRP A 40 24.20 -19.81 3.57
C TRP A 40 24.67 -18.38 3.60
N TYR A 41 23.72 -17.45 3.74
CA TYR A 41 24.03 -16.10 4.21
C TYR A 41 24.92 -16.12 5.43
N ALA A 42 24.38 -16.56 6.56
CA ALA A 42 25.12 -16.62 7.82
C ALA A 42 26.43 -17.39 7.67
N ALA A 43 26.39 -18.45 6.87
CA ALA A 43 27.56 -19.25 6.57
C ALA A 43 28.70 -18.35 6.06
N PHE A 44 28.30 -17.48 5.14
CA PHE A 44 29.14 -16.47 4.53
C PHE A 44 29.92 -15.65 5.55
N LEU A 45 29.23 -15.16 6.58
CA LEU A 45 29.87 -14.41 7.65
C LEU A 45 30.80 -15.28 8.49
N GLN A 46 30.81 -16.59 8.33
CA GLN A 46 31.80 -17.36 9.07
C GLN A 46 32.99 -17.78 8.30
N ALA B 1 8.63 22.50 2.57
CA ALA B 1 8.42 23.07 1.26
C ALA B 1 6.92 23.18 0.92
N GLU B 2 6.78 23.36 -0.37
CA GLU B 2 5.56 23.55 -1.13
C GLU B 2 5.55 22.60 -2.34
N VAL B 3 4.38 22.48 -2.95
CA VAL B 3 4.29 21.81 -4.25
C VAL B 3 5.12 22.53 -5.30
N LEU B 4 5.08 22.00 -6.52
CA LEU B 4 5.86 22.55 -7.63
C LEU B 4 4.93 22.95 -8.78
N THR B 5 5.41 23.90 -9.59
CA THR B 5 4.83 24.08 -10.92
C THR B 5 4.87 22.76 -11.70
N SER B 6 3.93 22.57 -12.61
CA SER B 6 3.91 21.41 -13.48
C SER B 6 5.22 21.26 -14.25
N GLU B 7 5.93 22.36 -14.46
CA GLU B 7 7.17 22.33 -15.23
C GLU B 7 8.34 21.84 -14.42
N GLN B 8 8.49 22.34 -13.20
CA GLN B 8 9.58 21.97 -12.33
C GLN B 8 9.41 20.61 -11.69
N ALA B 9 8.17 20.21 -11.40
CA ALA B 9 7.79 18.84 -11.18
C ALA B 9 8.39 17.88 -12.21
N GLU B 10 7.93 17.97 -13.46
CA GLU B 10 8.34 17.04 -14.49
C GLU B 10 9.85 16.95 -14.63
N GLU B 11 10.54 17.94 -14.08
CA GLU B 11 11.98 18.12 -14.31
C GLU B 11 12.79 17.54 -13.17
N LEU B 12 12.27 17.69 -11.96
CA LEU B 12 12.57 16.83 -10.83
C LEU B 12 12.44 15.35 -11.20
N HIS B 13 11.27 14.95 -11.68
CA HIS B 13 11.00 13.53 -11.86
C HIS B 13 11.99 12.88 -12.80
N LYS B 14 12.46 13.63 -13.78
CA LYS B 14 13.56 13.21 -14.64
C LYS B 14 14.71 12.64 -13.83
N HIS B 15 14.92 13.17 -12.63
CA HIS B 15 16.09 12.86 -11.81
C HIS B 15 15.82 11.66 -10.88
N VAL B 16 14.65 11.73 -10.25
CA VAL B 16 14.03 10.59 -9.60
C VAL B 16 14.12 9.34 -10.45
N ILE B 17 13.87 9.53 -11.74
CA ILE B 17 13.89 8.42 -12.67
C ILE B 17 15.25 8.00 -13.13
N ASP B 18 16.33 8.77 -12.99
CA ASP B 18 17.63 8.14 -13.26
C ASP B 18 18.20 7.54 -11.98
N GLY B 19 18.09 8.29 -10.90
CA GLY B 19 18.27 7.66 -9.59
C GLY B 19 17.88 6.20 -9.65
N THR B 20 16.59 5.95 -9.84
CA THR B 20 16.00 4.63 -9.88
C THR B 20 16.79 3.66 -10.75
N ARG B 21 17.05 4.03 -12.00
CA ARG B 21 17.71 3.12 -12.94
C ARG B 21 19.13 2.79 -12.53
N VAL B 22 19.91 3.80 -12.18
CA VAL B 22 21.15 3.63 -11.45
C VAL B 22 21.03 2.56 -10.37
N PHE B 23 20.03 2.73 -9.50
CA PHE B 23 19.69 1.67 -8.56
C PHE B 23 19.52 0.33 -9.26
N LEU B 24 18.47 0.22 -10.05
CA LEU B 24 18.06 -0.98 -10.75
C LEU B 24 19.27 -1.72 -11.33
N VAL B 25 20.02 -0.97 -12.13
CA VAL B 25 21.21 -1.51 -12.79
C VAL B 25 22.15 -2.16 -11.78
N ILE B 26 22.50 -1.38 -10.75
CA ILE B 26 23.36 -1.90 -9.70
C ILE B 26 22.73 -3.13 -9.03
N ALA B 27 21.44 -3.08 -8.78
CA ALA B 27 20.69 -4.24 -8.33
C ALA B 27 20.98 -5.46 -9.19
N ALA B 28 20.64 -5.37 -10.46
CA ALA B 28 20.93 -6.39 -11.46
C ALA B 28 22.31 -7.00 -11.30
N ILE B 29 23.31 -6.15 -11.12
CA ILE B 29 24.68 -6.66 -10.95
C ILE B 29 24.76 -7.55 -9.71
N ALA B 30 24.40 -6.95 -8.58
CA ALA B 30 24.12 -7.65 -7.34
C ALA B 30 23.42 -8.97 -7.57
N HIS B 31 22.16 -8.94 -8.01
CA HIS B 31 21.37 -10.16 -8.16
C HIS B 31 22.09 -11.19 -9.01
N PHE B 32 22.94 -10.66 -9.90
CA PHE B 32 23.61 -11.65 -10.75
C PHE B 32 24.81 -12.24 -10.03
N LEU B 33 25.73 -11.39 -9.58
CA LEU B 33 26.77 -11.78 -8.64
C LEU B 33 26.24 -12.75 -7.58
N ALA B 34 24.99 -12.51 -7.19
CA ALA B 34 24.34 -13.32 -6.18
C ALA B 34 24.07 -14.73 -6.72
N PHE B 35 22.99 -14.85 -7.47
CA PHE B 35 22.68 -15.87 -8.44
C PHE B 35 23.88 -16.73 -8.82
N THR B 36 24.98 -16.03 -9.11
CA THR B 36 26.21 -16.64 -9.57
C THR B 36 26.88 -17.45 -8.47
N LEU B 37 27.27 -16.78 -7.39
CA LEU B 37 28.09 -17.41 -6.37
C LEU B 37 27.25 -18.09 -5.31
N THR B 38 26.13 -18.73 -5.66
CA THR B 38 25.12 -18.91 -4.62
C THR B 38 24.14 -20.01 -4.96
N PRO B 39 23.77 -20.72 -3.89
CA PRO B 39 22.79 -21.80 -3.91
C PRO B 39 21.44 -21.37 -4.47
N TRP B 40 21.16 -20.08 -4.45
CA TRP B 40 19.85 -19.59 -4.89
C TRP B 40 19.55 -19.98 -6.32
N FME C 1 -12.98 4.96 -7.74
CN FME C 1 -13.06 5.74 -6.52
O1 FME C 1 -12.93 4.90 -5.34
CA FME C 1 -13.62 5.39 -8.97
CB FME C 1 -14.34 4.22 -9.65
CG FME C 1 -13.53 3.65 -10.81
SD FME C 1 -14.56 2.88 -12.07
CE FME C 1 -13.84 3.69 -13.54
C FME C 1 -14.61 6.52 -8.72
O FME C 1 -14.35 7.67 -9.06
N ASN C 2 -15.73 6.14 -8.11
CA ASN C 2 -16.76 7.06 -7.70
C ASN C 2 -16.33 8.00 -6.60
N GLN C 3 -15.08 7.91 -6.13
CA GLN C 3 -14.75 8.47 -4.84
C GLN C 3 -13.82 9.66 -4.91
N GLY C 4 -13.63 10.27 -6.08
CA GLY C 4 -12.59 11.27 -6.22
C GLY C 4 -12.74 12.52 -5.38
N LYS C 5 -13.97 12.82 -4.96
CA LYS C 5 -14.24 14.04 -4.21
C LYS C 5 -13.61 13.99 -2.82
N ILE C 6 -12.94 12.88 -2.51
CA ILE C 6 -12.36 12.76 -1.16
C ILE C 6 -11.23 13.75 -0.98
N TRP C 7 -10.55 14.10 -2.08
CA TRP C 7 -9.49 15.10 -2.03
C TRP C 7 -10.04 16.49 -1.74
N THR C 8 -11.36 16.66 -1.83
CA THR C 8 -11.95 17.92 -1.38
C THR C 8 -12.06 17.97 0.12
N VAL C 9 -11.77 16.86 0.78
CA VAL C 9 -11.99 16.73 2.24
C VAL C 9 -10.64 16.48 2.94
N VAL C 10 -9.75 15.94 2.11
CA VAL C 10 -8.49 15.37 2.57
C VAL C 10 -7.37 15.72 1.60
N PRO C 11 -6.45 16.54 2.15
CA PRO C 11 -5.34 17.15 1.44
C PRO C 11 -4.42 16.12 0.82
N PRO C 12 -4.70 15.76 -0.44
CA PRO C 12 -3.81 14.79 -1.09
C PRO C 12 -2.35 14.97 -0.73
N ALA C 13 -1.91 16.08 -0.14
CA ALA C 13 -0.45 16.17 0.02
C ALA C 13 -0.01 15.34 1.22
N PHE C 14 -0.98 14.98 2.03
CA PHE C 14 -0.78 14.08 3.17
C PHE C 14 -1.43 12.72 2.91
N GLY C 15 -2.60 12.78 2.26
CA GLY C 15 -3.40 11.61 1.99
C GLY C 15 -2.84 10.68 0.94
N LEU C 16 -2.12 11.20 -0.05
CA LEU C 16 -1.67 10.25 -1.10
C LEU C 16 -0.53 9.40 -0.58
N PRO C 17 0.52 10.08 -0.09
CA PRO C 17 1.64 9.36 0.51
C PRO C 17 1.18 8.45 1.63
N LEU C 18 0.08 8.82 2.29
CA LEU C 18 -0.54 7.88 3.20
C LEU C 18 -0.94 6.58 2.53
N MET C 19 -1.88 6.60 1.59
CA MET C 19 -2.24 5.44 0.79
C MET C 19 -1.03 4.66 0.29
N LEU C 20 -0.10 5.37 -0.37
CA LEU C 20 0.98 4.65 -1.06
C LEU C 20 1.87 3.95 -0.02
N GLY C 21 2.05 4.63 1.11
CA GLY C 21 2.78 4.01 2.20
C GLY C 21 2.13 2.76 2.74
N ALA C 22 0.82 2.79 2.92
CA ALA C 22 0.12 1.66 3.55
C ALA C 22 0.11 0.45 2.63
N VAL C 23 0.08 0.71 1.33
CA VAL C 23 0.37 -0.31 0.34
C VAL C 23 1.74 -0.93 0.55
N ALA C 24 2.81 -0.14 0.54
CA ALA C 24 4.16 -0.65 0.74
C ALA C 24 4.25 -1.48 2.02
N ILE C 25 3.63 -0.96 3.09
CA ILE C 25 3.68 -1.65 4.38
C ILE C 25 2.98 -3.02 4.26
N THR C 26 1.74 -2.96 3.80
CA THR C 26 0.96 -4.16 3.54
C THR C 26 1.71 -5.19 2.74
N ALA C 27 2.46 -4.76 1.72
CA ALA C 27 3.11 -5.83 0.93
C ALA C 27 4.22 -6.49 1.73
N LEU C 28 4.90 -5.73 2.58
CA LEU C 28 5.96 -6.37 3.36
C LEU C 28 5.36 -7.36 4.35
N LEU C 29 4.30 -6.91 5.02
CA LEU C 29 3.55 -7.78 5.92
C LEU C 29 3.16 -9.08 5.24
N VAL C 30 2.44 -8.99 4.13
CA VAL C 30 2.01 -10.20 3.43
C VAL C 30 3.20 -11.07 3.07
N HIS C 31 4.33 -10.47 2.68
CA HIS C 31 5.51 -11.30 2.44
C HIS C 31 5.93 -12.00 3.72
N ALA C 32 6.31 -11.21 4.72
CA ALA C 32 6.57 -11.64 6.07
C ALA C 32 5.68 -12.79 6.50
N ALA C 33 4.37 -12.68 6.28
CA ALA C 33 3.50 -13.77 6.74
C ALA C 33 3.87 -15.08 6.03
N VAL C 34 3.64 -15.09 4.72
CA VAL C 34 3.93 -16.23 3.88
C VAL C 34 5.32 -16.80 4.13
N LEU C 35 6.26 -15.92 4.46
CA LEU C 35 7.63 -16.39 4.68
C LEU C 35 7.71 -17.25 5.92
N THR C 36 6.85 -16.96 6.89
CA THR C 36 6.95 -17.56 8.20
C THR C 36 5.85 -18.58 8.46
N HIS C 37 5.05 -18.92 7.45
CA HIS C 37 4.08 -20.00 7.60
C HIS C 37 4.01 -20.86 6.34
N THR C 38 5.08 -20.81 5.55
CA THR C 38 5.39 -21.93 4.66
C THR C 38 6.82 -22.39 4.86
N THR C 39 7.14 -23.55 4.30
CA THR C 39 8.54 -23.96 4.18
C THR C 39 9.08 -23.54 2.82
N TRP C 40 8.14 -23.25 1.90
CA TRP C 40 8.52 -23.32 0.49
C TRP C 40 9.04 -21.98 0.00
N TYR C 41 8.48 -20.91 0.53
CA TYR C 41 9.12 -19.60 0.51
C TYR C 41 10.59 -19.68 0.91
N ALA C 42 10.83 -19.95 2.19
CA ALA C 42 12.19 -20.05 2.72
C ALA C 42 13.04 -21.04 1.93
N ALA C 43 12.41 -22.13 1.50
CA ALA C 43 13.05 -23.14 0.67
C ALA C 43 13.70 -22.48 -0.56
N PHE C 44 12.90 -21.62 -1.16
CA PHE C 44 13.24 -20.81 -2.30
C PHE C 44 14.55 -20.07 -2.13
N LEU C 45 14.71 -19.39 -1.00
CA LEU C 45 15.95 -18.70 -0.67
C LEU C 45 17.12 -19.65 -0.44
N GLN C 46 16.91 -20.96 -0.36
CA GLN C 46 18.07 -21.83 -0.28
C GLN C 46 18.47 -22.50 -1.54
N ALA D 1 -0.31 20.86 2.53
CA ALA D 1 -1.24 21.37 1.54
C ALA D 1 -2.60 21.71 2.18
N GLU D 2 -3.51 21.82 1.24
CA GLU D 2 -4.91 22.17 1.36
C GLU D 2 -5.77 21.15 0.58
N VAL D 3 -7.07 21.18 0.83
CA VAL D 3 -8.01 20.46 -0.02
C VAL D 3 -7.97 20.96 -1.45
N LEU D 4 -8.81 20.36 -2.28
CA LEU D 4 -8.85 20.70 -3.70
C LEU D 4 -10.25 21.17 -4.10
N THR D 5 -10.31 21.96 -5.16
CA THR D 5 -11.58 22.15 -5.88
C THR D 5 -12.16 20.79 -6.30
N SER D 6 -13.48 20.71 -6.39
CA SER D 6 -14.14 19.51 -6.88
C SER D 6 -13.62 19.09 -8.25
N GLU D 7 -13.10 20.04 -9.02
CA GLU D 7 -12.64 19.74 -10.37
C GLU D 7 -11.26 19.11 -10.38
N GLN D 8 -10.33 19.66 -9.60
CA GLN D 8 -8.98 19.18 -9.54
C GLN D 8 -8.83 17.91 -8.71
N ALA D 9 -9.64 17.75 -7.66
CA ALA D 9 -9.93 16.47 -7.06
C ALA D 9 -10.19 15.36 -8.06
N GLU D 10 -11.32 15.44 -8.76
CA GLU D 10 -11.75 14.39 -9.67
C GLU D 10 -10.66 14.04 -10.69
N GLU D 11 -9.69 14.93 -10.84
CA GLU D 11 -8.72 14.85 -11.93
C GLU D 11 -7.43 14.21 -11.45
N LEU D 12 -7.05 14.54 -10.21
CA LEU D 12 -6.19 13.71 -9.38
C LEU D 12 -6.65 12.26 -9.35
N HIS D 13 -7.91 12.03 -8.94
CA HIS D 13 -8.36 10.66 -8.69
C HIS D 13 -8.24 9.79 -9.93
N LYS D 14 -8.42 10.39 -11.10
CA LYS D 14 -8.14 9.73 -12.36
C LYS D 14 -6.80 9.03 -12.36
N HIS D 15 -5.83 9.59 -11.63
CA HIS D 15 -4.45 9.15 -11.65
C HIS D 15 -4.18 8.08 -10.59
N VAL D 16 -4.67 8.38 -9.40
CA VAL D 16 -4.85 7.42 -8.33
C VAL D 16 -5.44 6.11 -8.85
N ILE D 17 -6.43 6.25 -9.73
CA ILE D 17 -7.09 5.09 -10.27
C ILE D 17 -6.37 4.42 -11.40
N ASP D 18 -5.38 5.00 -12.08
CA ASP D 18 -4.59 4.15 -12.98
C ASP D 18 -3.41 3.54 -12.24
N GLY D 19 -2.74 4.37 -11.45
CA GLY D 19 -1.83 3.82 -10.44
C GLY D 19 -2.31 2.44 -10.01
N THR D 20 -3.45 2.40 -9.34
CA THR D 20 -4.05 1.20 -8.81
C THR D 20 -4.07 0.05 -9.81
N ARG D 21 -4.62 0.28 -11.00
CA ARG D 21 -4.79 -0.78 -11.98
C ARG D 21 -3.46 -1.32 -12.48
N VAL D 22 -2.55 -0.43 -12.85
CA VAL D 22 -1.14 -0.76 -13.01
C VAL D 22 -0.65 -1.72 -11.93
N PHE D 23 -0.87 -1.33 -10.67
CA PHE D 23 -0.62 -2.25 -9.56
C PHE D 23 -1.33 -3.58 -9.79
N LEU D 24 -2.65 -3.57 -9.74
CA LEU D 24 -3.51 -4.72 -9.85
C LEU D 24 -3.01 -5.70 -10.92
N VAL D 25 -2.86 -5.14 -12.12
CA VAL D 25 -2.40 -5.91 -13.27
C VAL D 25 -1.10 -6.65 -12.95
N ILE D 26 -0.12 -5.88 -12.51
CA ILE D 26 1.16 -6.46 -12.13
C ILE D 26 0.99 -7.51 -11.04
N ALA D 27 0.15 -7.23 -10.05
CA ALA D 27 -0.25 -8.21 -9.06
C ALA D 27 -0.68 -9.52 -9.71
N ALA D 28 -1.74 -9.46 -10.51
CA ALA D 28 -2.23 -10.57 -11.29
C ALA D 28 -1.11 -11.40 -11.91
N ILE D 29 -0.15 -10.72 -12.52
CA ILE D 29 0.96 -11.45 -13.15
C ILE D 29 1.74 -12.25 -12.09
N ALA D 30 2.21 -11.53 -11.09
CA ALA D 30 2.71 -12.08 -9.85
C ALA D 30 1.91 -13.28 -9.38
N HIS D 31 0.67 -13.06 -8.97
CA HIS D 31 -0.15 -14.14 -8.41
C HIS D 31 -0.23 -15.33 -9.34
N PHE D 32 -0.08 -15.01 -10.63
CA PHE D 32 -0.18 -16.16 -11.54
C PHE D 32 1.15 -16.89 -11.63
N LEU D 33 2.21 -16.19 -11.98
CA LEU D 33 3.58 -16.68 -11.82
C LEU D 33 3.74 -17.47 -10.52
N ALA D 34 3.03 -17.00 -9.50
CA ALA D 34 3.09 -17.62 -8.18
C ALA D 34 2.42 -18.99 -8.22
N PHE D 35 1.11 -18.98 -8.12
CA PHE D 35 0.16 -20.00 -8.52
C PHE D 35 0.77 -21.07 -9.42
N THR D 36 1.50 -20.59 -10.41
CA THR D 36 2.11 -21.43 -11.43
C THR D 36 3.25 -22.26 -10.86
N LEU D 37 4.29 -21.59 -10.37
CA LEU D 37 5.51 -22.28 -9.97
C LEU D 37 5.46 -22.74 -8.52
N THR D 38 4.32 -23.20 -8.02
CA THR D 38 4.17 -23.14 -6.58
C THR D 38 3.10 -24.08 -6.06
N PRO D 39 3.42 -24.63 -4.87
CA PRO D 39 2.55 -25.54 -4.13
C PRO D 39 1.21 -24.92 -3.80
N TRP D 40 1.11 -23.60 -3.83
CA TRP D 40 -0.14 -22.93 -3.45
C TRP D 40 -1.30 -23.37 -4.32
N FME E 1 -25.09 6.58 10.51
CN FME E 1 -24.31 7.45 11.37
O1 FME E 1 -23.55 6.68 12.35
CA FME E 1 -26.31 7.03 9.86
CB FME E 1 -27.41 5.96 9.97
CG FME E 1 -27.56 5.19 8.67
SD FME E 1 -29.21 4.52 8.44
CE FME E 1 -29.50 5.10 6.73
C FME E 1 -26.82 8.33 10.50
O FME E 1 -26.72 9.39 9.88
N ASN E 2 -27.33 8.19 11.71
CA ASN E 2 -27.80 9.29 12.51
C ASN E 2 -26.68 10.22 12.95
N GLN E 3 -25.44 9.96 12.58
CA GLN E 3 -24.31 10.54 13.28
C GLN E 3 -23.53 11.54 12.47
N GLY E 4 -24.07 12.03 11.36
CA GLY E 4 -23.25 12.83 10.45
C GLY E 4 -22.73 14.14 11.00
N LYS E 5 -23.40 14.67 12.02
CA LYS E 5 -23.02 15.97 12.58
C LYS E 5 -21.67 15.90 13.27
N ILE E 6 -21.05 14.72 13.29
CA ILE E 6 -19.77 14.59 13.98
C ILE E 6 -18.69 15.39 13.28
N TRP E 7 -18.83 15.55 11.97
CA TRP E 7 -17.88 16.35 11.20
C TRP E 7 -18.00 17.83 11.53
N THR E 8 -19.06 18.21 12.24
CA THR E 8 -19.12 19.58 12.74
C THR E 8 -18.26 19.76 13.98
N VAL E 9 -17.72 18.66 14.49
CA VAL E 9 -17.00 18.66 15.77
C VAL E 9 -15.54 18.23 15.53
N VAL E 10 -15.42 17.50 14.43
CA VAL E 10 -14.20 16.76 14.11
C VAL E 10 -13.90 16.84 12.62
N PRO E 11 -12.78 17.53 12.36
CA PRO E 11 -12.31 17.90 11.03
C PRO E 11 -12.08 16.69 10.15
N PRO E 12 -13.13 16.29 9.39
CA PRO E 12 -12.93 15.15 8.50
C PRO E 12 -11.57 15.09 7.86
N ALA E 13 -10.75 16.15 7.87
CA ALA E 13 -9.50 16.00 7.09
C ALA E 13 -8.49 15.19 7.87
N PHE E 14 -8.76 15.06 9.17
CA PHE E 14 -7.98 14.22 10.08
C PHE E 14 -8.77 12.98 10.48
N GLY E 15 -10.07 13.19 10.68
CA GLY E 15 -10.96 12.16 11.15
C GLY E 15 -11.27 11.08 10.14
N LEU E 16 -11.30 11.39 8.84
CA LEU E 16 -11.69 10.32 7.92
C LEU E 16 -10.55 9.32 7.76
N PRO E 17 -9.38 9.85 7.38
CA PRO E 17 -8.21 8.98 7.27
C PRO E 17 -7.94 8.25 8.58
N LEU E 18 -8.35 8.84 9.70
CA LEU E 18 -8.34 8.09 10.93
C LEU E 18 -9.18 6.83 10.86
N MET E 19 -10.49 6.94 10.70
CA MET E 19 -11.39 5.81 10.50
C MET E 19 -10.84 4.80 9.48
N LEU E 20 -10.46 5.30 8.29
CA LEU E 20 -10.13 4.36 7.21
C LEU E 20 -8.86 3.59 7.58
N GLY E 21 -7.94 4.30 8.24
CA GLY E 21 -6.74 3.65 8.74
C GLY E 21 -7.02 2.57 9.75
N ALA E 22 -7.92 2.83 10.70
CA ALA E 22 -8.16 1.88 11.78
C ALA E 22 -8.86 0.63 11.27
N VAL E 23 -9.67 0.81 10.24
CA VAL E 23 -10.16 -0.32 9.45
C VAL E 23 -9.03 -1.15 8.88
N ALA E 24 -8.15 -0.55 8.10
CA ALA E 24 -7.01 -1.27 7.50
C ALA E 24 -6.22 -2.01 8.57
N ILE E 25 -5.99 -1.33 9.69
CA ILE E 25 -5.20 -1.93 10.78
C ILE E 25 -5.93 -3.16 11.33
N THR E 26 -7.17 -2.92 11.72
CA THR E 26 -8.05 -3.98 12.19
C THR E 26 -8.08 -5.18 11.27
N ALA E 27 -8.09 -4.96 9.95
CA ALA E 27 -8.18 -6.17 9.11
C ALA E 27 -6.88 -6.96 9.15
N LEU E 28 -5.76 -6.26 9.29
CA LEU E 28 -4.50 -7.03 9.34
C LEU E 28 -4.43 -7.82 10.64
N LEU E 29 -4.79 -7.15 11.74
CA LEU E 29 -4.89 -7.83 13.02
C LEU E 29 -5.73 -9.09 12.94
N VAL E 30 -6.98 -8.95 12.51
CA VAL E 30 -7.85 -10.11 12.43
C VAL E 30 -7.25 -11.19 11.55
N HIS E 31 -6.56 -10.82 10.46
CA HIS E 31 -5.87 -11.85 9.69
C HIS E 31 -4.79 -12.53 10.53
N ALA E 32 -3.82 -11.74 10.95
CA ALA E 32 -2.81 -12.13 11.90
C ALA E 32 -3.33 -13.07 12.97
N ALA E 33 -4.46 -12.76 13.58
CA ALA E 33 -4.95 -13.65 14.64
C ALA E 33 -5.23 -15.05 14.07
N VAL E 34 -6.24 -15.10 13.20
CA VAL E 34 -6.64 -16.33 12.54
C VAL E 34 -5.46 -17.12 11.99
N LEU E 35 -4.44 -16.38 11.53
CA LEU E 35 -3.29 -17.07 10.93
C LEU E 35 -2.52 -17.85 11.99
N THR E 36 -2.56 -17.35 13.22
CA THR E 36 -1.70 -17.86 14.27
C THR E 36 -2.49 -18.66 15.29
N HIS E 37 -3.77 -18.93 15.07
CA HIS E 37 -4.52 -19.82 15.94
C HIS E 37 -5.44 -20.74 15.14
N THR E 38 -5.12 -20.92 13.87
CA THR E 38 -5.54 -22.14 13.17
C THR E 38 -4.34 -22.82 12.52
N THR E 39 -4.56 -24.05 12.08
CA THR E 39 -3.58 -24.69 11.19
C THR E 39 -3.99 -24.47 9.74
N TRP E 40 -5.26 -24.09 9.56
CA TRP E 40 -5.85 -24.31 8.24
C TRP E 40 -5.64 -23.12 7.33
N TYR E 41 -5.64 -21.93 7.92
CA TYR E 41 -5.05 -20.76 7.29
C TYR E 41 -3.67 -21.06 6.73
N ALA E 42 -2.69 -21.28 7.62
CA ALA E 42 -1.32 -21.57 7.21
C ALA E 42 -1.25 -22.74 6.23
N ALA E 43 -2.11 -23.73 6.46
CA ALA E 43 -2.22 -24.89 5.59
C ALA E 43 -2.44 -24.43 4.13
N PHE E 44 -3.36 -23.49 4.02
CA PHE E 44 -3.73 -22.83 2.79
C PHE E 44 -2.53 -22.31 2.01
N LEU E 45 -1.64 -21.60 2.68
CA LEU E 45 -0.42 -21.11 2.06
C LEU E 45 0.54 -22.23 1.68
N GLN E 46 0.31 -23.47 2.08
CA GLN E 46 1.17 -24.52 1.58
C GLN E 46 0.64 -25.33 0.46
N ALA F 1 -7.41 20.76 8.21
CA ALA F 1 -8.70 21.35 7.94
C ALA F 1 -9.32 21.96 9.21
N GLU F 2 -10.60 22.17 9.01
CA GLU F 2 -11.58 22.75 9.90
C GLU F 2 -12.82 21.84 9.99
N VAL F 3 -13.66 22.11 10.98
CA VAL F 3 -14.99 21.50 11.01
C VAL F 3 -15.81 21.89 9.79
N LEU F 4 -17.04 21.39 9.75
CA LEU F 4 -17.94 21.63 8.62
C LEU F 4 -19.22 22.30 9.10
N THR F 5 -19.87 23.02 8.18
CA THR F 5 -21.27 23.38 8.37
C THR F 5 -22.11 22.11 8.61
N SER F 6 -23.20 22.25 9.36
CA SER F 6 -24.12 21.15 9.57
C SER F 6 -24.62 20.55 8.27
N GLU F 7 -24.62 21.34 7.20
CA GLU F 7 -25.13 20.89 5.92
C GLU F 7 -24.12 20.03 5.17
N GLN F 8 -22.87 20.47 5.12
CA GLN F 8 -21.84 19.76 4.41
C GLN F 8 -21.32 18.55 5.16
N ALA F 9 -21.30 18.60 6.50
CA ALA F 9 -21.26 17.43 7.35
C ALA F 9 -22.19 16.32 6.91
N GLU F 10 -23.50 16.54 7.04
CA GLU F 10 -24.49 15.51 6.75
C GLU F 10 -24.32 14.92 5.36
N GLU F 11 -23.59 15.62 4.52
CA GLU F 11 -23.52 15.31 3.09
C GLU F 11 -22.28 14.49 2.77
N LEU F 12 -21.18 14.83 3.45
CA LEU F 12 -20.08 13.92 3.69
C LEU F 12 -20.55 12.58 4.23
N HIS F 13 -21.28 12.60 5.35
CA HIS F 13 -21.59 11.35 6.04
C HIS F 13 -22.35 10.39 5.15
N LYS F 14 -23.17 10.92 4.26
CA LYS F 14 -23.82 10.15 3.21
C LYS F 14 -22.83 9.23 2.51
N HIS F 15 -21.59 9.67 2.39
CA HIS F 15 -20.57 8.99 1.59
C HIS F 15 -19.79 7.97 2.42
N VAL F 16 -19.39 8.43 3.60
CA VAL F 16 -18.94 7.58 4.70
C VAL F 16 -19.84 6.36 4.85
N ILE F 17 -21.14 6.61 4.75
CA ILE F 17 -22.11 5.55 4.92
C ILE F 17 -22.31 4.69 3.71
N ASP F 18 -21.93 5.05 2.49
CA ASP F 18 -21.96 4.01 1.45
C ASP F 18 -20.63 3.27 1.39
N GLY F 19 -19.54 4.02 1.47
CA GLY F 19 -18.27 3.39 1.78
C GLY F 19 -18.49 2.14 2.62
N THR F 20 -18.95 2.35 3.85
CA THR F 20 -19.19 1.30 4.82
C THR F 20 -19.94 0.11 4.24
N ARG F 21 -21.09 0.35 3.61
CA ARG F 21 -21.92 -0.73 3.12
C ARG F 21 -21.26 -1.52 2.01
N VAL F 22 -20.71 -0.83 1.03
CA VAL F 22 -19.75 -1.40 0.09
C VAL F 22 -18.78 -2.36 0.78
N PHE F 23 -18.13 -1.85 1.83
CA PHE F 23 -17.33 -2.72 2.69
C PHE F 23 -18.14 -3.93 3.15
N LEU F 24 -19.13 -3.69 3.99
CA LEU F 24 -19.96 -4.68 4.62
C LEU F 24 -20.34 -5.80 3.64
N VAL F 25 -20.92 -5.36 2.53
CA VAL F 25 -21.36 -6.27 1.48
C VAL F 25 -20.22 -7.19 1.05
N ILE F 26 -19.11 -6.57 0.67
CA ILE F 26 -17.94 -7.33 0.28
C ILE F 26 -17.49 -8.27 1.39
N ALA F 27 -17.49 -7.78 2.63
CA ALA F 27 -17.27 -8.61 3.80
C ALA F 27 -18.12 -9.87 3.76
N ALA F 28 -19.44 -9.68 3.77
CA ALA F 28 -20.41 -10.75 3.65
C ALA F 28 -20.01 -11.80 2.61
N ILE F 29 -19.58 -11.33 1.44
CA ILE F 29 -19.19 -12.28 0.40
C ILE F 29 -18.00 -13.12 0.87
N ALA F 30 -16.93 -12.43 1.24
CA ALA F 30 -15.82 -12.97 1.99
C ALA F 30 -16.26 -13.98 3.03
N HIS F 31 -16.94 -13.53 4.08
CA HIS F 31 -17.32 -14.41 5.18
C HIS F 31 -18.07 -15.63 4.70
N PHE F 32 -18.74 -15.44 3.55
CA PHE F 32 -19.48 -16.60 3.09
C PHE F 32 -18.58 -17.55 2.33
N LEU F 33 -17.91 -17.07 1.30
CA LEU F 33 -16.80 -17.78 0.66
C LEU F 33 -15.94 -18.49 1.69
N ALA F 34 -15.79 -17.84 2.84
CA ALA F 34 -14.98 -18.37 3.93
C ALA F 34 -15.64 -19.61 4.52
N PHE F 35 -16.60 -19.37 5.40
CA PHE F 35 -17.67 -20.23 5.82
C PHE F 35 -17.86 -21.45 4.94
N THR F 36 -17.88 -21.17 3.64
CA THR F 36 -18.12 -22.16 2.61
C THR F 36 -16.95 -23.14 2.50
N LEU F 37 -15.78 -22.63 2.12
CA LEU F 37 -14.65 -23.49 1.80
C LEU F 37 -13.82 -23.83 3.02
N THR F 38 -14.43 -24.06 4.18
CA THR F 38 -13.63 -23.87 5.39
C THR F 38 -14.22 -24.58 6.59
N PRO F 39 -13.29 -25.10 7.40
CA PRO F 39 -13.57 -25.79 8.65
C PRO F 39 -14.35 -24.93 9.63
N TRP F 40 -14.32 -23.62 9.46
CA TRP F 40 -14.99 -22.72 10.41
C TRP F 40 -16.47 -23.01 10.52
MG BCL G . 23.73 -7.00 -0.07
CHA BCL G . 22.15 -5.00 -2.28
CHB BCL G . 25.34 -4.23 1.19
CHC BCL G . 25.31 -9.03 2.01
CHD BCL G . 22.88 -9.86 -2.10
NA BCL G . 23.72 -4.90 -0.48
C1A BCL G . 23.04 -4.29 -1.50
C2A BCL G . 23.22 -2.79 -1.54
C3A BCL G . 24.31 -2.56 -0.46
C4A BCL G . 24.46 -3.96 0.13
CMA BCL G . 25.63 -2.06 -0.99
CAA BCL G . 21.89 -2.13 -1.13
CBA BCL G . 21.97 -0.61 -1.04
CGA BCL G . 20.86 0.07 -0.32
O1A BCL G . 19.86 0.40 -0.87
O2A BCL G . 21.25 0.68 0.80
NB BCL G . 25.15 -6.68 1.36
C1B BCL G . 25.56 -5.44 1.81
C2B BCL G . 26.28 -5.67 3.04
C3B BCL G . 26.35 -7.04 3.24
C4B BCL G . 25.59 -7.69 2.19
CMB BCL G . 26.82 -4.54 3.89
CAB BCL G . 26.78 -7.75 4.49
OBB BCL G . 26.11 -8.65 4.93
CBB BCL G . 28.04 -7.34 5.20
NC BCL G . 24.12 -9.12 -0.14
C1C BCL G . 24.58 -9.68 0.99
C2C BCL G . 24.34 -11.19 1.06
C3C BCL G . 23.51 -11.46 -0.21
C4C BCL G . 23.54 -10.11 -0.91
CMC BCL G . 25.67 -11.95 1.03
CAC BCL G . 22.06 -11.89 0.06
CBC BCL G . 21.48 -11.23 1.31
ND BCL G . 22.75 -7.45 -1.81
C1D BCL G . 22.35 -8.60 -2.46
C2D BCL G . 21.45 -8.28 -3.50
C3D BCL G . 21.36 -6.88 -3.46
C4D BCL G . 22.15 -6.40 -2.43
CMD BCL G . 20.82 -9.26 -4.43
CAD BCL G . 20.67 -5.76 -4.07
OBD BCL G . 19.92 -5.75 -5.03
CBD BCL G . 21.15 -4.47 -3.29
CGD BCL G . 21.79 -3.56 -4.33
O1D BCL G . 22.59 -3.95 -5.13
O2D BCL G . 21.03 -2.48 -4.57
CED BCL G . 20.95 -2.02 -5.93
C1 BCL G . 20.31 1.59 1.40
C2 BCL G . 20.34 1.40 2.92
C3 BCL G . 21.19 2.05 3.67
C4 BCL G . 21.37 1.70 5.14
C5 BCL G . 22.14 3.05 3.02
C6 BCL G . 21.94 4.48 3.51
C7 BCL G . 23.11 5.40 3.12
C8 BCL G . 22.69 6.81 2.73
C9 BCL G . 23.73 7.80 3.26
C10 BCL G . 21.36 7.16 3.34
C11 BCL G . 20.29 7.43 2.29
C12 BCL G . 19.43 8.46 2.98
C13 BCL G . 17.95 8.18 3.00
C14 BCL G . 17.55 7.61 4.33
C15 BCL G . 17.07 9.37 2.70
C16 BCL G . 17.82 10.67 2.46
C17 BCL G . 17.17 11.41 1.29
C18 BCL G . 17.81 12.77 0.98
C19 BCL G . 18.14 13.49 2.27
C20 BCL G . 16.85 13.63 0.17
MG BCL H . 7.01 4.50 -12.65
CHA BCL H . 6.06 4.56 -9.48
CHB BCL H . 10.39 4.50 -11.52
CHC BCL H . 7.95 3.40 -15.64
CHD BCL H . 3.57 3.73 -13.65
NA BCL H . 8.07 4.47 -10.78
C1A BCL H . 7.41 4.64 -9.59
C2A BCL H . 8.37 4.75 -8.41
C3A BCL H . 9.76 4.81 -9.09
C4A BCL H . 9.39 4.57 -10.54
CMA BCL H . 10.50 6.13 -8.97
CAA BCL H . 8.23 3.48 -7.58
CBA BCL H . 9.01 2.26 -8.07
CGA BCL H . 8.73 0.99 -7.35
O1A BCL H . 8.47 0.95 -6.18
O2A BCL H . 8.36 -0.01 -8.15
NB BCL H . 8.84 3.96 -13.38
C1B BCL H . 10.10 4.07 -12.82
C2B BCL H . 11.08 3.72 -13.81
C3B BCL H . 10.37 3.42 -14.96
C4B BCL H . 8.94 3.56 -14.70
CMB BCL H . 12.56 3.77 -13.57
CAB BCL H . 10.87 2.95 -16.28
OBB BCL H . 12.05 3.05 -16.58
CBB BCL H . 9.88 2.34 -17.23
NC BCL H . 5.89 3.73 -14.35
C1C BCL H . 6.54 3.40 -15.47
C2C BCL H . 5.64 3.08 -16.66
C3C BCL H . 4.24 3.07 -16.01
C4C BCL H . 4.55 3.58 -14.60
CMC BCL H . 5.77 4.13 -17.77
CAC BCL H . 3.64 1.65 -15.95
CBC BCL H . 2.71 1.48 -14.75
ND BCL H . 5.14 4.23 -11.86
C1D BCL H . 3.85 3.97 -12.28
C2D BCL H . 2.96 4.00 -11.18
C3D BCL H . 3.78 4.25 -10.06
C4D BCL H . 5.11 4.39 -10.51
CMD BCL H . 1.49 3.76 -11.23
CAD BCL H . 3.75 4.39 -8.63
OBD BCL H . 2.79 4.42 -7.88
CBD BCL H . 5.24 4.70 -8.19
CGD BCL H . 5.22 6.12 -7.70
O1D BCL H . 5.64 7.07 -8.29
O2D BCL H . 4.85 6.17 -6.41
CED BCL H . 5.67 7.05 -5.61
C1 BCL H . 8.07 -1.27 -7.51
C2 BCL H . 8.69 -2.42 -8.32
C3 BCL H . 7.97 -3.22 -9.07
C4 BCL H . 6.49 -3.46 -8.84
C5 BCL H . 8.72 -4.21 -9.98
C6 BCL H . 9.85 -4.91 -9.22
C7 BCL H . 11.19 -4.53 -9.85
C8 BCL H . 11.36 -5.29 -11.17
C9 BCL H . 10.03 -5.94 -11.54
C10 BCL H . 12.44 -6.34 -11.03
C11 BCL H . 13.74 -5.74 -10.51
C12 BCL H . 14.76 -6.74 -11.00
C13 BCL H . 15.80 -7.15 -9.99
C14 BCL H . 17.00 -6.22 -10.05
C15 BCL H . 16.29 -8.56 -10.25
C16 BCL H . 15.21 -9.59 -9.93
C17 BCL H . 15.67 -10.98 -10.33
C18 BCL H . 14.72 -12.07 -9.83
C19 BCL H . 14.68 -13.22 -10.84
C20 BCL H . 13.31 -11.50 -9.70
C1' RPA I . 15.07 22.45 -8.93
C2' RPA I . 15.44 23.93 -8.73
C3' RPA I . 14.55 24.63 -7.70
C4' RPA I . 13.07 24.38 -8.03
C5' RPA I . 12.82 22.88 -8.17
C6' RPA I . 11.36 22.61 -8.60
O1' RPA I . 16.00 21.56 -10.03
O1' RPA I . 15.89 21.80 -9.93
O2' RPA I . 16.81 24.03 -8.42
O3' RPA I . 14.79 26.04 -7.69
O4' RPA I . 12.22 24.94 -7.03
O5' RPA I . 13.68 22.32 -9.18
O6' RPA I . 11.25 21.44 -9.39
C1 RPA I . 16.41 20.08 -10.27
CM1 RPA I . 17.47 20.10 -11.32
CM2 RPA I . 15.21 19.30 -10.73
C2 RPA I . 17.01 19.51 -8.89
C3 RPA I . 17.65 18.13 -9.01
C4 RPA I . 16.87 17.08 -8.20
C5 RPA I . 17.70 15.93 -7.81
CM3 RPA I . 19.13 16.10 -7.39
C6 RPA I . 17.12 14.72 -7.92
C7 RPA I . 17.75 13.45 -7.57
C8 RPA I . 17.11 12.39 -7.03
C9 RPA I . 17.74 11.12 -6.66
CM4 RPA I . 19.09 11.01 -6.02
C10 RPA I . 16.98 10.01 -6.88
C11 RPA I . 17.30 8.63 -6.58
C12 RPA I . 16.36 7.67 -6.42
C13 RPA I . 16.60 6.25 -6.11
CM5 RPA I . 17.96 5.76 -5.69
C14 RPA I . 15.54 5.44 -6.25
C15 RPA I . 15.37 4.01 -6.01
C16 RPA I . 14.45 3.24 -5.99
C17 RPA I . 14.15 1.84 -5.74
C18 RPA I . 13.01 1.16 -6.02
CM6 RPA I . 11.85 1.84 -6.70
C19 RPA I . 12.97 -0.24 -5.58
C20 RPA I . 12.13 -0.75 -4.68
C21 RPA I . 11.97 -2.07 -4.11
C22 RPA I . 10.91 -2.90 -4.06
CM7 RPA I . 9.61 -2.57 -4.75
C23 RPA I . 11.04 -4.17 -3.32
C24 RPA I . 10.16 -4.61 -2.39
C25 RPA I . 10.14 -5.84 -1.62
C26 RPA I . 9.01 -6.40 -1.11
CM8 RPA I . 7.67 -5.74 -1.35
C27 RPA I . 9.09 -7.64 -0.35
C28 RPA I . 10.27 -8.35 0.27
C29 RPA I . 10.14 -8.37 1.75
C30 RPA I . 10.27 -9.49 2.52
CM9 RPA I . 10.10 -9.43 4.00
CM0 RPA I . 10.57 -10.80 1.88
O11 RPA I . 10.91 2.18 -6.01
O1 BOG J . 27.64 -13.64 -2.11
C1' BOG J . 27.64 -12.22 -2.36
C2' BOG J . 27.24 -11.62 -3.70
C3' BOG J . 26.18 -10.52 -3.76
C4' BOG J . 26.48 -9.20 -3.10
C5' BOG J . 25.93 -7.89 -3.63
C6' BOG J . 26.55 -6.59 -3.14
C7' BOG J . 25.91 -5.27 -3.54
C8' BOG J . 26.53 -4.48 -4.69
MG BCL K . 15.87 -9.51 -4.78
CHA BCL K . 16.61 -6.33 -3.96
CHB BCL K . 13.14 -8.38 -6.55
CHC BCL K . 15.43 -12.65 -5.84
CHD BCL K . 18.20 -10.71 -2.38
NA BCL K . 15.00 -7.60 -5.20
C1A BCL K . 15.51 -6.40 -4.78
C2A BCL K . 14.69 -5.24 -5.30
C3A BCL K . 13.59 -5.91 -6.14
C4A BCL K . 13.92 -7.38 -5.96
CMA BCL K . 12.14 -5.63 -5.76
CAA BCL K . 15.57 -4.35 -6.19
CBA BCL K . 14.82 -3.12 -6.68
CGA BCL K . 15.21 -2.62 -8.01
O1A BCL K . 16.35 -2.46 -8.34
O2A BCL K . 14.23 -2.02 -8.66
NB BCL K . 14.59 -10.36 -6.13
C1B BCL K . 13.42 -9.73 -6.55
C2B BCL K . 12.51 -10.77 -6.97
C3B BCL K . 13.17 -11.97 -6.78
C4B BCL K . 14.49 -11.73 -6.27
CMB BCL K . 11.15 -10.49 -7.58
CAB BCL K . 12.64 -13.29 -7.21
OBB BCL K . 13.37 -14.09 -7.76
CBB BCL K . 11.19 -13.58 -6.93
NC BCL K . 16.72 -11.37 -4.18
C1C BCL K . 16.34 -12.53 -4.75
C2C BCL K . 16.94 -13.76 -4.09
C3C BCL K . 17.89 -13.14 -3.05
C4C BCL K . 17.58 -11.66 -3.15
CMC BCL K . 15.86 -14.62 -3.44
CAC BCL K . 19.37 -13.39 -3.42
CBC BCL K . 19.96 -14.52 -2.57
ND BCL K . 17.19 -8.77 -3.43
C1D BCL K . 17.94 -9.32 -2.40
C2D BCL K . 18.47 -8.28 -1.61
C3D BCL K . 17.95 -7.10 -2.17
C4D BCL K . 17.20 -7.43 -3.30
CMD BCL K . 19.49 -8.45 -0.53
CAD BCL K . 17.98 -5.66 -2.05
OBD BCL K . 18.62 -4.97 -1.26
CBD BCL K . 17.11 -5.08 -3.23
CGD BCL K . 16.01 -4.25 -2.64
O1D BCL K . 14.89 -4.64 -2.47
O2D BCL K . 16.33 -2.99 -2.38
CED BCL K . 15.56 -2.31 -1.36
C1 BCL K . 14.59 -0.97 -9.58
C2 BCL K . 13.33 -0.08 -9.79
C3 BCL K . 12.59 -0.16 -10.87
C4 BCL K . 13.20 -0.29 -12.26
C5 BCL K . 11.14 0.31 -10.78
C6 BCL K . 10.21 -0.07 -11.92
C7 BCL K . 8.80 0.44 -11.56
C8 BCL K . 7.73 -0.24 -12.36
C9 BCL K . 7.63 0.27 -13.78
C10 BCL K . 6.43 -0.42 -11.67
C11 BCL K . 5.56 0.81 -11.43
C12 BCL K . 5.31 0.76 -9.95
C13 BCL K . 4.14 -0.05 -9.47
C14 BCL K . 2.80 0.43 -9.95
C15 BCL K . 4.10 -0.32 -7.99
C16 BCL K . 3.71 0.88 -7.14
C17 BCL K . 4.48 0.83 -5.82
C18 BCL K . 3.88 1.72 -4.71
C19 BCL K . 3.10 0.85 -3.74
C20 BCL K . 4.98 2.42 -3.93
MG BCL L . 7.04 -10.89 -4.08
CHA BCL L . 4.60 -8.80 -5.14
CHB BCL L . 9.32 -8.35 -4.52
CHC BCL L . 9.38 -13.01 -3.10
CHD BCL L . 4.85 -13.69 -4.67
NA BCL L . 6.95 -8.85 -4.72
C1A BCL L . 5.83 -8.20 -5.19
C2A BCL L . 6.10 -6.76 -5.56
C3A BCL L . 7.64 -6.65 -5.43
C4A BCL L . 8.00 -8.01 -4.84
CMA BCL L . 8.37 -6.42 -6.74
CAA BCL L . 5.39 -5.86 -4.55
CBA BCL L . 5.64 -4.37 -4.77
CGA BCL L . 5.30 -3.47 -3.63
O1A BCL L . 4.20 -3.01 -3.51
O2A BCL L . 6.35 -2.85 -3.10
NB BCL L . 9.06 -10.72 -3.89
C1B BCL L . 9.77 -9.54 -3.98
C2B BCL L . 11.08 -9.80 -3.43
C3B BCL L . 11.13 -11.15 -3.10
C4B BCL L . 9.82 -11.73 -3.35
CMB BCL L . 12.13 -8.73 -3.28
CAB BCL L . 12.19 -11.83 -2.28
OBB BCL L . 11.86 -12.57 -1.38
CBB BCL L . 13.64 -11.59 -2.56
NC BCL L . 7.09 -13.04 -4.02
C1C BCL L . 8.11 -13.60 -3.35
C2C BCL L . 7.83 -15.03 -2.90
C3C BCL L . 6.37 -15.24 -3.34
C4C BCL L . 6.08 -13.97 -4.12
CMC BCL L . 8.77 -16.00 -3.61
CAC BCL L . 5.39 -15.41 -2.18
CBC BCL L . 5.77 -14.57 -0.95
ND BCL L . 5.15 -11.28 -4.75
C1D BCL L . 4.32 -12.39 -4.83
C2D BCL L . 3.00 -11.99 -5.14
C3D BCL L . 3.08 -10.59 -5.28
C4D BCL L . 4.39 -10.19 -5.04
CMD BCL L . 1.84 -12.90 -5.32
CAD BCL L . 2.27 -9.42 -5.50
OBD BCL L . 1.09 -9.34 -5.79
CBD BCL L . 3.25 -8.18 -5.41
CGD BCL L . 3.17 -7.46 -6.74
O1D BCL L . 3.24 -8.04 -7.79
O2D BCL L . 2.52 -6.29 -6.62
CED BCL L . 1.65 -5.91 -7.71
C1 BCL L . 6.09 -1.76 -2.21
C2 BCL L . 7.05 -1.85 -1.01
C3 BCL L . 8.23 -1.30 -1.05
C4 BCL L . 9.26 -1.58 0.03
C5 BCL L . 8.64 -0.53 -2.31
C6 BCL L . 8.93 0.95 -2.03
C7 BCL L . 9.68 1.63 -3.18
C8 BCL L . 9.24 3.06 -3.45
C9 BCL L . 10.47 3.89 -3.84
C10 BCL L . 8.63 3.67 -2.23
C11 BCL L . 7.16 4.05 -2.43
C12 BCL L . 7.02 5.25 -1.53
C13 BCL L . 5.86 5.23 -0.57
C14 BCL L . 6.34 4.82 0.80
C15 BCL L . 5.11 6.53 -0.46
C16 BCL L . 5.65 7.66 -1.30
C17 BCL L . 4.49 8.42 -1.92
C18 BCL L . 4.90 9.62 -2.78
C19 BCL L . 6.04 10.37 -2.09
C20 BCL L . 3.73 10.58 -2.96
MG BCL M . -12.75 2.41 -5.44
CHA BCL M . -11.49 2.85 -2.41
CHB BCL M . -9.43 1.91 -6.63
CHC BCL M . -14.00 0.96 -8.16
CHD BCL M . -16.10 2.18 -3.98
NA BCL M . -10.76 2.33 -4.63
C1A BCL M . -10.51 2.69 -3.33
C2A BCL M . -9.02 2.72 -3.02
C3A BCL M . -8.37 2.49 -4.41
C4A BCL M . -9.58 2.22 -5.27
CMA BCL M . -7.59 3.67 -4.98
CAA BCL M . -8.72 1.54 -2.09
CBA BCL M . -8.54 0.18 -2.77
CGA BCL M . -8.41 -0.97 -1.83
O1A BCL M . -7.88 -0.89 -0.75
O2A BCL M . -9.29 -1.95 -2.05
NB BCL M . -11.84 1.52 -7.04
C1B BCL M . -10.50 1.45 -7.39
C2B BCL M . -10.41 0.87 -8.71
C3B BCL M . -11.70 0.62 -9.11
C4B BCL M . -12.62 1.02 -8.06
CMB BCL M . -9.10 0.69 -9.44
CAB BCL M . -12.18 -0.01 -10.37
OBB BCL M . -11.45 -0.13 -11.34
CBB BCL M . -13.60 -0.51 -10.40
NC BCL M . -14.76 1.73 -5.95
C1C BCL M . -14.98 1.22 -7.17
C2C BCL M . -16.45 0.98 -7.50
C3C BCL M . -17.13 1.25 -6.12
C4C BCL M . -15.97 1.79 -5.30
CMC BCL M . -16.96 1.91 -8.59
CAC BCL M . -17.67 -0.04 -5.49
CBC BCL M . -17.66 0.03 -3.96
ND BCL M . -13.72 2.52 -3.64
C1D BCL M . -15.01 2.45 -3.14
C2D BCL M . -15.01 2.70 -1.75
C3D BCL M . -13.64 2.89 -1.42
C4D BCL M . -12.88 2.77 -2.60
CMD BCL M . -16.19 2.72 -0.84
CAD BCL M . -12.77 3.13 -0.32
OBD BCL M . -13.03 3.37 0.85
CBD BCL M . -11.31 3.20 -0.93
CGD BCL M . -10.88 4.64 -0.76
O1D BCL M . -10.84 5.47 -1.63
O2D BCL M . -10.36 4.84 0.45
CED BCL M . -9.14 5.62 0.45
C1 BCL M . -9.23 -3.09 -1.19
C2 BCL M . -9.36 -4.39 -2.01
C3 BCL M . -10.46 -5.10 -2.03
C4 BCL M . -11.49 -5.07 -0.90
C5 BCL M . -10.54 -6.26 -3.03
C6 BCL M . -9.26 -7.10 -3.02
C7 BCL M . -8.58 -6.99 -4.40
C8 BCL M . -9.34 -7.85 -5.40
C9 BCL M . -10.66 -8.29 -4.77
C10 BCL M . -8.52 -9.06 -5.78
C11 BCL M . -7.13 -8.65 -6.26
C12 BCL M . -6.74 -9.84 -7.11
C13 BCL M . -5.33 -10.35 -6.90
C14 BCL M . -4.36 -9.65 -7.83
C15 BCL M . -5.25 -11.85 -7.18
C16 BCL M . -5.98 -12.65 -6.11
C17 BCL M . -5.99 -14.12 -6.48
C18 BCL M . -6.53 -15.00 -5.33
C19 BCL M . -7.28 -16.19 -5.92
C20 BCL M . -7.48 -14.20 -4.47
C1' RPA N . -2.55 18.95 -10.33
C2' RPA N . -2.01 20.35 -10.63
C3' RPA N . -1.99 21.26 -9.39
C4' RPA N . -3.36 21.24 -8.71
C5' RPA N . -3.79 19.79 -8.43
C6' RPA N . -5.20 19.76 -7.83
O1' RPA N . -2.62 17.83 -11.62
O1' RPA N . -2.60 18.10 -11.50
O2' RPA N . -0.75 20.23 -11.24
O3' RPA N . -1.67 22.60 -9.76
O4' RPA N . -3.34 22.00 -7.51
O5' RPA N . -3.80 19.04 -9.65
O6' RPA N . -5.89 18.57 -8.19
C1 RPA N . -2.57 16.30 -11.80
CM1 RPA N . -2.41 16.06 -13.28
CM2 RPA N . -3.86 15.70 -11.31
C2 RPA N . -1.31 15.73 -11.02
C3 RPA N . -1.01 14.25 -11.28
C4 RPA N . -1.19 13.41 -10.01
C5 RPA N . -0.41 12.16 -10.04
CM3 RPA N . 0.98 12.11 -10.62
C6 RPA N . -1.04 11.06 -9.57
C7 RPA N . -0.45 9.73 -9.48
C8 RPA N . -0.69 8.83 -8.51
C9 RPA N . -0.10 7.50 -8.39
CM4 RPA N . 1.34 7.21 -8.72
C10 RPA N . -0.92 6.52 -7.94
C11 RPA N . -0.61 5.13 -7.68
C12 RPA N . -1.32 4.36 -6.82
C13 RPA N . -1.07 2.95 -6.50
CM5 RPA N . 0.20 2.26 -6.93
C14 RPA N . -2.05 2.32 -5.83
C15 RPA N . -2.16 0.96 -5.32
C16 RPA N . -2.94 0.35 -4.62
C17 RPA N . -3.14 -0.95 -4.02
C18 RPA N . -4.26 -1.44 -3.44
CM6 RPA N . -5.51 -0.62 -3.36
C19 RPA N . -4.14 -2.78 -2.86
C20 RPA N . -4.26 -3.08 -1.55
C21 RPA N . -4.15 -4.32 -0.80
C22 RPA N . -5.01 -4.94 0.02
CM7 RPA N . -6.42 -4.45 0.21
C23 RPA N . -4.56 -6.17 0.71
C24 RPA N . -4.70 -6.39 2.03
C25 RPA N . -4.34 -7.54 2.84
C26 RPA N . -4.95 -7.87 4.01
CM8 RPA N . -6.08 -7.01 4.54
C27 RPA N . -4.53 -9.05 4.75
C28 RPA N . -3.29 -9.91 4.62
C29 RPA N . -2.46 -9.80 5.86
C30 RPA N . -1.97 -10.88 6.55
CM9 RPA N . -1.18 -10.69 7.79
CM0 RPA N . -2.26 -12.26 6.08
O11 RPA N . -5.79 -0.08 -2.31
O1 BOG O . 8.17 -18.21 -6.99
C1' BOG O . 8.14 -16.83 -7.41
C2' BOG O . 7.05 -16.27 -8.31
C3' BOG O . 6.29 -15.02 -7.88
C4' BOG O . 7.06 -13.72 -7.75
C5' BOG O . 6.42 -12.37 -8.05
C6' BOG O . 7.32 -11.17 -8.24
C7' BOG O . 6.70 -9.78 -8.37
C8' BOG O . 6.53 -9.19 -9.77
MG BCL P . -2.23 -12.33 -2.53
CHA BCL P . -0.85 -9.28 -2.85
CHB BCL P . -5.35 -10.88 -2.41
CHC BCL P . -3.51 -15.42 -2.57
CHD BCL P . 0.98 -13.76 -1.90
NA BCL P . -2.99 -10.35 -2.64
C1A BCL P . -2.23 -9.23 -2.81
C2A BCL P . -3.08 -7.97 -2.88
C3A BCL P . -4.52 -8.50 -2.76
C4A BCL P . -4.28 -9.99 -2.58
CMA BCL P . -5.37 -7.95 -1.62
CAA BCL P . -2.87 -7.31 -4.26
CBA BCL P . -3.65 -6.01 -4.37
CGA BCL P . -4.15 -5.67 -5.73
O1A BCL P . -3.45 -5.73 -6.71
O2A BCL P . -5.25 -4.96 -5.72
NB BCL P . -4.15 -13.04 -2.66
C1B BCL P . -5.25 -12.26 -2.38
C2B BCL P . -6.32 -13.15 -1.98
C3B BCL P . -5.80 -14.43 -2.04
C4B BCL P . -4.43 -14.39 -2.49
CMB BCL P . -7.72 -12.69 -1.66
CAB BCL P . -6.59 -15.67 -1.84
OBB BCL P . -6.44 -16.61 -2.60
CBB BCL P . -7.57 -15.69 -0.69
NC BCL P . -1.36 -14.27 -2.29
C1C BCL P . -2.12 -15.38 -2.31
C2C BCL P . -1.36 -16.65 -1.97
C3C BCL P . 0.09 -16.14 -1.85
C4C BCL P . -0.07 -14.64 -1.97
CMC BCL P . -1.87 -17.27 -0.67
CAC BCL P . 0.98 -16.65 -2.99
CBC BCL P . 1.86 -17.81 -2.52
ND BCL P . -0.29 -11.75 -2.41
C1D BCL P . 0.89 -12.35 -1.98
C2D BCL P . 1.88 -11.36 -1.86
C3D BCL P . 1.25 -10.15 -2.15
C4D BCL P . -0.08 -10.41 -2.51
CMD BCL P . 3.33 -11.62 -1.61
CAD BCL P . 1.47 -8.73 -2.32
OBD BCL P . 2.51 -8.11 -2.21
CBD BCL P . 0.10 -8.09 -2.78
CGD BCL P . -0.31 -7.05 -1.78
O1D BCL P . -1.09 -7.23 -0.90
O2D BCL P . 0.22 -5.84 -1.98
CED BCL P . 0.33 -4.98 -0.83
C1 BCL P . -5.46 -4.05 -6.82
C2 BCL P . -6.48 -2.97 -6.36
C3 BCL P . -7.75 -3.00 -6.73
C4 BCL P . -8.15 -3.32 -8.15
C5 BCL P . -8.76 -2.28 -5.85
C6 BCL P . -10.23 -2.58 -6.11
C7 BCL P . -11.05 -1.81 -5.04
C8 BCL P . -12.44 -2.35 -4.90
C9 BCL P . -13.37 -1.93 -6.02
C10 BCL P . -13.04 -2.26 -3.54
C11 BCL P . -13.43 -0.89 -3.02
C12 BCL P . -12.71 -0.80 -1.71
C13 BCL P . -13.39 -1.36 -0.50
C14 BCL P . -14.68 -0.70 -0.13
C15 BCL P . -12.51 -1.52 0.72
C16 BCL P . -12.17 -0.22 1.43
C17 BCL P . -10.75 -0.31 1.99
C18 BCL P . -10.45 0.74 3.07
C19 BCL P . -10.51 0.09 4.43
C20 BCL P . -9.04 1.30 2.89
MG BCL Q . -8.75 -12.14 3.64
CHA BCL Q . -11.09 -9.75 3.96
CHB BCL Q . -7.02 -10.07 1.50
CHC BCL Q . -6.51 -14.57 3.30
CHD BCL Q . -11.06 -14.57 4.96
NA BCL Q . -9.02 -10.16 2.86
C1A BCL Q . -10.12 -9.38 3.08
C2A BCL Q . -10.02 -8.03 2.39
C3A BCL Q . -8.74 -8.17 1.55
C4A BCL Q . -8.22 -9.52 2.00
CMA BCL Q . -8.98 -8.15 0.05
CAA BCL Q . -9.86 -6.95 3.47
CBA BCL Q . -9.67 -5.55 2.92
CGA BCL Q . -9.13 -4.53 3.86
O1A BCL Q . -9.86 -3.88 4.55
O2A BCL Q . -7.93 -4.07 3.52
NB BCL Q . -7.04 -12.30 2.53
C1B BCL Q . -6.44 -11.27 1.82
C2B BCL Q . -5.11 -11.72 1.49
C3B BCL Q . -4.99 -13.03 1.93
C4B BCL Q . -6.20 -13.39 2.63
CMB BCL Q . -4.10 -10.83 0.80
CAB BCL Q . -3.72 -13.83 2.03
OBB BCL Q . -3.47 -14.44 3.04
CBB BCL Q . -2.75 -13.86 0.89
NC BCL Q . -8.86 -14.27 3.98
C1C BCL Q . -7.70 -14.94 3.98
C2C BCL Q . -7.77 -16.27 4.71
C3C BCL Q . -9.19 -16.26 5.30
C4C BCL Q . -9.80 -15.01 4.68
CMC BCL Q . -7.57 -17.44 3.74
CAC BCL Q . -9.24 -16.18 6.83
CBC BCL Q . -8.10 -15.34 7.41
ND BCL Q . -10.66 -12.25 4.33
C1D BCL Q . -11.46 -13.21 4.95
C2D BCL Q . -12.62 -12.61 5.45
C3D BCL Q . -12.53 -11.26 5.07
C4D BCL Q . -11.33 -11.07 4.39
CMD BCL Q . -13.73 -13.33 6.17
CAD BCL Q . -13.18 -9.99 5.20
OBD BCL Q . -14.27 -9.73 5.69
CBD BCL Q . -12.26 -8.93 4.49
CGD BCL Q . -13.09 -8.29 3.40
O1D BCL Q . -13.74 -8.95 2.62
O2D BCL Q . -13.41 -7.03 3.68
CED BCL Q . -14.73 -6.58 3.32
C1 BCL Q . -7.49 -2.88 4.22
C2 BCL Q . -5.99 -3.06 4.57
C3 BCL Q . -5.06 -2.72 3.72
C4 BCL Q . -3.60 -3.10 3.98
C5 BCL Q . -5.44 -2.11 2.38
C6 BCL Q . -4.92 -0.69 2.19
C7 BCL Q . -5.00 -0.23 0.72
C8 BCL Q . -5.38 1.24 0.56
C9 BCL Q . -4.60 1.81 -0.62
C10 BCL Q . -5.03 2.03 1.80
C11 BCL Q . -6.26 2.63 2.47
C12 BCL Q . -5.69 3.89 3.06
C13 BCL Q . -5.99 4.13 4.51
C14 BCL Q . -4.79 3.75 5.34
C15 BCL Q . -6.39 5.55 4.86
C16 BCL Q . -6.40 6.51 3.69
C17 BCL Q . -7.62 7.41 3.80
C18 BCL Q . -7.72 8.47 2.69
C19 BCL Q . -6.35 9.06 2.42
C20 BCL Q . -8.65 9.59 3.11
MG BCL R . -23.69 4.20 12.56
CHA BCL R . -20.79 4.62 14.08
CHB BCL R . -21.93 3.06 9.69
CHC BCL R . -26.50 2.80 11.44
CHD BCL R . -25.40 4.63 15.77
NA BCL R . -21.65 3.83 11.98
C1A BCL R . -20.62 4.23 12.77
C2A BCL R . -19.26 4.02 12.10
C3A BCL R . -19.66 3.60 10.67
C4A BCL R . -21.16 3.48 10.78
CMA BCL R . -19.30 4.59 9.56
CAA BCL R . -18.55 2.88 12.82
CBA BCL R . -18.96 1.47 12.41
CGA BCL R . -18.38 0.38 13.24
O1A BCL R . -17.29 0.44 13.74
O2A BCL R . -19.29 -0.45 13.76
NB BCL R . -24.08 3.06 10.89
C1B BCL R . -23.26 2.74 9.82
C2B BCL R . -24.07 2.07 8.83
C3B BCL R . -25.35 2.02 9.35
C4B BCL R . -25.37 2.63 10.66
CMB BCL R . -23.54 1.61 7.50
CAB BCL R . -26.57 1.39 8.76
OBB BCL R . -26.62 1.08 7.59
CBB BCL R . -27.72 1.14 9.69
NC BCL R . -25.62 3.83 13.49
C1C BCL R . -26.62 3.29 12.77
C2C BCL R . -27.97 3.28 13.45
C3C BCL R . -27.61 3.75 14.88
C4C BCL R . -26.15 4.14 14.73
CMC BCL R . -28.97 4.21 12.75
CAC BCL R . -27.76 2.62 15.92
CBC BCL R . -26.79 2.79 17.09
ND BCL R . -23.30 4.59 14.52
C1D BCL R . -24.00 4.77 15.72
C2D BCL R . -23.09 5.11 16.75
C3D BCL R . -21.83 5.09 16.13
C4D BCL R . -21.98 4.77 14.78
CMD BCL R . -23.44 5.39 18.17
CAD BCL R . -20.42 5.25 16.42
OBD BCL R . -19.87 5.61 17.45
CBD BCL R . -19.68 5.04 15.04
CGD BCL R . -19.11 6.38 14.69
O1D BCL R . -19.56 7.13 13.86
O2D BCL R . -17.93 6.58 15.28
CED BCL R . -16.92 7.14 14.40
C1 BCL R . -18.80 -1.52 14.57
C2 BCL R . -19.53 -2.83 14.22
C3 BCL R . -20.47 -3.35 14.99
C4 BCL R . -20.54 -3.07 16.49
C5 BCL R . -21.26 -4.54 14.45
C6 BCL R . -20.33 -5.58 13.80
C7 BCL R . -20.67 -5.69 12.30
C8 BCL R . -21.96 -6.47 12.13
C9 BCL R . -22.63 -6.63 13.50
C10 BCL R . -21.67 -7.82 11.53
C11 BCL R . -20.87 -7.69 10.23
C12 BCL R . -21.20 -8.98 9.53
C13 BCL R . -20.04 -9.71 8.92
C14 BCL R . -19.80 -9.25 7.49
C15 BCL R . -20.28 -11.21 8.88
C16 BCL R . -20.24 -11.80 10.29
C17 BCL R . -20.62 -13.27 10.24
C18 BCL R . -20.39 -13.97 11.59
C19 BCL R . -21.45 -15.05 11.79
C20 BCL R . -20.50 -12.96 12.72
C1' RPA S . -17.39 18.39 -0.09
C2' RPA S . -17.02 19.67 -0.87
C3' RPA S . -16.15 20.64 -0.07
C4' RPA S . -16.78 20.89 1.30
C5' RPA S . -17.06 19.57 2.01
C6' RPA S . -17.79 19.81 3.34
O1' RPA S . -18.33 17.22 -0.87
O1' RPA S . -18.23 17.49 -0.83
O2' RPA S . -16.45 19.29 -2.10
O3' RPA S . -16.02 21.87 -0.77
O4' RPA S . -15.94 21.72 2.09
O5' RPA S . -17.91 18.74 1.19
O6' RPA S . -18.65 18.73 3.67
C1 RPA S . -18.56 15.69 -0.81
CM1 RPA S . -19.38 15.33 -2.00
CM2 RPA S . -19.30 15.36 0.47
C2 RPA S . -17.14 14.97 -0.88
C3 RPA S . -17.20 13.45 -1.03
C4 RPA S . -16.63 12.74 0.20
C5 RPA S . -16.16 11.38 -0.10
CM3 RPA S . -15.45 11.05 -1.38
C6 RPA S . -16.44 10.43 0.83
C7 RPA S . -16.05 9.03 0.74
C8 RPA S . -15.72 8.26 1.80
C9 RPA S . -15.30 6.86 1.73
CM4 RPA S . -14.42 6.30 0.64
C10 RPA S . -15.74 6.06 2.74
C11 RPA S . -15.46 4.66 2.97
C12 RPA S . -15.54 4.08 4.19
C13 RPA S . -15.28 2.67 4.51
CM5 RPA S . -14.63 1.75 3.52
C14 RPA S . -15.68 2.26 5.73
C15 RPA S . -15.57 0.98 6.41
C16 RPA S . -15.78 0.56 7.52
C17 RPA S . -15.68 -0.64 8.32
C18 RPA S . -16.22 -0.90 9.53
CM6 RPA S . -17.07 0.13 10.22
C19 RPA S . -15.88 -2.20 10.13
C20 RPA S . -15.19 -2.38 11.26
C21 RPA S . -14.75 -3.57 11.96
C22 RPA S . -14.95 -3.98 13.23
CM7 RPA S . -15.88 -3.24 14.16
C23 RPA S . -14.28 -5.22 13.68
C24 RPA S . -13.58 -5.31 14.83
C25 RPA S . -12.90 -6.46 15.42
C26 RPA S . -12.66 -6.60 16.75
CM8 RPA S . -13.13 -5.53 17.71
C27 RPA S . -11.98 -7.78 17.26
C28 RPA S . -11.18 -8.85 16.54
C29 RPA S . -9.76 -8.80 16.97
C30 RPA S . -9.05 -9.89 17.37
CM9 RPA S . -7.62 -9.76 17.82
CM0 RPA S . -9.68 -11.23 17.41
O11 RPA S . -16.56 0.77 11.13
O1 BOG T . -10.35 -19.74 1.84
C1' BOG T . -10.52 -18.40 1.32
C2' BOG T . -11.87 -17.72 1.19
C3' BOG T . -12.08 -16.34 1.79
C4' BOG T . -11.29 -15.18 1.22
C5' BOG T . -11.85 -13.77 1.17
C6' BOG T . -11.17 -12.75 0.28
C7' BOG T . -11.60 -11.29 0.33
C8' BOG T . -12.55 -10.78 -0.74
MG BCL U . -15.07 -11.89 10.73
CHA BCL U . -13.93 -9.15 9.15
CHB BCL U . -17.27 -9.93 12.49
CHC BCL U . -16.37 -14.71 11.96
CHD BCL U . -12.32 -13.79 9.48
NA BCL U . -15.54 -9.81 10.79
C1A BCL U . -14.96 -8.85 10.02
C2A BCL U . -15.55 -7.48 10.27
C3A BCL U . -16.64 -7.75 11.33
C4A BCL U . -16.48 -9.24 11.56
CMA BCL U . -16.53 -6.99 12.65
CAA BCL U . -16.19 -6.96 8.99
CBA BCL U . -16.75 -5.55 9.16
CGA BCL U . -17.96 -5.23 8.36
O1A BCL U . -18.04 -5.47 7.18
O2A BCL U . -18.74 -4.34 8.93
NB BCL U . -16.69 -12.27 11.91
C1B BCL U . -17.31 -11.29 12.68
C2B BCL U . -17.95 -11.96 13.78
C3B BCL U . -17.71 -13.31 13.62
C4B BCL U . -16.94 -13.53 12.43
CMB BCL U . -18.80 -11.24 14.81
CAB BCL U . -18.32 -14.38 14.46
OBB BCL U . -18.76 -15.39 13.93
CBB BCL U . -18.34 -14.16 15.94
NC BCL U . -14.43 -13.93 10.68
C1C BCL U . -15.12 -14.89 11.31
C2C BCL U . -14.43 -16.25 11.31
C3C BCL U . -13.19 -15.98 10.44
C4C BCL U . -13.26 -14.48 10.20
CMC BCL U . -14.07 -16.68 12.73
CAC BCL U . -13.27 -16.71 9.09
CBC BCL U . -12.39 -17.97 9.10
ND BCL U . -13.44 -11.63 9.54
C1D BCL U . -12.32 -12.39 9.25
C2D BCL U . -11.38 -11.59 8.58
C3D BCL U . -11.95 -10.30 8.55
C4D BCL U . -13.23 -10.37 9.12
CMD BCL U . -10.13 -12.07 7.93
CAD BCL U . -11.75 -8.96 8.05
OBD BCL U . -10.81 -8.52 7.41
CBD BCL U . -13.04 -8.13 8.43
CGD BCL U . -12.63 -6.97 9.29
O1D BCL U . -12.70 -6.95 10.49
O2D BCL U . -12.24 -5.89 8.62
CED BCL U . -11.35 -4.98 9.31
C1 BCL U . -19.51 -3.48 8.06
C2 BCL U . -19.91 -2.22 8.87
C3 BCL U . -21.12 -2.06 9.36
C4 BCL U . -22.37 -2.40 8.55
C5 BCL U . -21.29 -1.12 10.55
C6 BCL U . -22.62 -1.18 11.29
C7 BCL U . -22.52 -0.21 12.49
C8 BCL U . -23.56 -0.50 13.55
C9 BCL U . -24.94 0.00 13.17
C10 BCL U . -23.14 -0.22 14.94
C11 BCL U . -23.01 1.23 15.37
C12 BCL U . -21.62 1.29 15.93
C13 BCL U . -21.43 0.93 17.37
C14 BCL U . -22.13 1.82 18.35
C15 BCL U . -20.00 0.71 17.81
C16 BCL U . -19.17 1.98 17.94
C17 BCL U . -17.73 1.69 17.52
C18 BCL U . -16.72 2.74 18.01
C19 BCL U . -15.98 2.20 19.22
C20 BCL U . -15.70 3.03 16.93
#